data_3OG6
#
_entry.id   3OG6
#
_cell.length_a   64.960
_cell.length_b   85.790
_cell.length_c   116.510
_cell.angle_alpha   90.00
_cell.angle_beta   90.00
_cell.angle_gamma   90.00
#
_symmetry.space_group_name_H-M   'P 21 21 21'
#
loop_
_entity.id
_entity.type
_entity.pdbx_description
1 polymer Interleukin-29
2 polymer 'Interleukin 28 receptor, alpha (Interferon, lambda receptor)'
3 branched beta-D-mannopyranose-(1-4)-2-acetamido-2-deoxy-beta-D-glucopyranose-(1-4)-2-acetamido-2-deoxy-beta-D-glucopyranose
4 non-polymer GLYCEROL
5 non-polymer 2-acetamido-2-deoxy-beta-D-glucopyranose
6 water water
#
loop_
_entity_poly.entity_id
_entity_poly.type
_entity_poly.pdbx_seq_one_letter_code
_entity_poly.pdbx_strand_id
1 'polypeptide(L)'
;HHHHHHDYKDDDDKADPVPTSKPTPTGKGCHIGRFKSLSPQELASFKKARDALEESLKLKNWSCSSPVFPGNWDLRLLQV
RERPVALEAELALTLKVLEAAAGPALEDVLDQPLHTLHHILSQLQACIQPQPTAGPRPRGRLHHWLHRLQEAPKKESAGC
LEASVTFNLFRLLTRDLKYVADGNLCLRTSTHPEST
;
A
2 'polypeptide(L)'
;PGRPRLAPPQNVTLLSQNFSVYLTWLPGLGNPQDVTYFVAYQSSPTRRRWREVEECAGTKELLCSMMCLKKQDLYNKFKG
RVRTVSPSSKSPWVESEYLDYLFEVEPAPPVLVLTQTEEILSANATYQLPPCMPPLDLKYEVAFWKEGAGNKTLFPVTPH
GQPVQITLQPAASEHHCLSARTIYTFSVPKYSKFSKPTCFLLEVPEANASGSSGGSSGTSHHHHHH
;
B
#
loop_
_chem_comp.id
_chem_comp.type
_chem_comp.name
_chem_comp.formula
BMA D-saccharide, beta linking beta-D-mannopyranose 'C6 H12 O6'
GOL non-polymer GLYCEROL 'C3 H8 O3'
NAG D-saccharide, beta linking 2-acetamido-2-deoxy-beta-D-glucopyranose 'C8 H15 N O6'
#
# COMPACT_ATOMS: atom_id res chain seq x y z
N SER A 37 0.75 -13.56 -9.00
CA SER A 37 0.92 -12.70 -7.85
C SER A 37 0.87 -13.53 -6.56
N LEU A 38 1.02 -12.87 -5.41
CA LEU A 38 1.07 -13.56 -4.13
C LEU A 38 -0.34 -13.74 -3.57
N SER A 39 -0.61 -14.91 -3.05
CA SER A 39 -1.97 -15.30 -2.70
C SER A 39 -2.30 -14.64 -1.32
N PRO A 40 -3.55 -14.50 -0.97
CA PRO A 40 -3.85 -13.97 0.36
C PRO A 40 -3.14 -14.73 1.48
N GLN A 41 -2.99 -16.04 1.35
CA GLN A 41 -2.42 -16.85 2.42
C GLN A 41 -0.88 -16.64 2.54
N GLU A 42 -0.20 -16.55 1.40
CA GLU A 42 1.22 -16.20 1.43
C GLU A 42 1.40 -14.85 2.08
N LEU A 43 0.57 -13.88 1.71
CA LEU A 43 0.69 -12.52 2.24
C LEU A 43 0.31 -12.51 3.73
N ALA A 44 -0.69 -13.28 4.16
CA ALA A 44 -1.00 -13.33 5.62
C ALA A 44 0.23 -13.89 6.40
N SER A 45 0.97 -14.81 5.78
CA SER A 45 1.99 -15.48 6.56
C SER A 45 3.22 -14.56 6.63
N PHE A 46 3.48 -13.81 5.56
CA PHE A 46 4.51 -12.77 5.61
C PHE A 46 4.17 -11.75 6.67
N LYS A 47 2.92 -11.33 6.73
CA LYS A 47 2.63 -10.30 7.70
C LYS A 47 2.91 -10.83 9.10
N LYS A 48 2.47 -12.05 9.40
CA LYS A 48 2.70 -12.61 10.77
C LYS A 48 4.17 -12.62 11.09
N ALA A 49 5.00 -12.96 10.11
CA ALA A 49 6.45 -13.05 10.40
C ALA A 49 6.97 -11.64 10.54
N ARG A 50 6.46 -10.72 9.72
CA ARG A 50 7.04 -9.36 9.69
C ARG A 50 6.71 -8.77 11.06
N ASP A 51 5.48 -8.97 11.54
CA ASP A 51 5.10 -8.42 12.85
C ASP A 51 5.90 -9.05 13.98
N ALA A 52 6.15 -10.36 13.93
CA ALA A 52 6.95 -11.01 14.99
C ALA A 52 8.38 -10.46 14.99
N LEU A 53 8.98 -10.29 13.81
CA LEU A 53 10.31 -9.67 13.71
C LEU A 53 10.28 -8.23 14.27
N GLU A 54 9.22 -7.47 13.99
CA GLU A 54 9.18 -6.06 14.41
C GLU A 54 9.15 -6.09 15.93
N GLU A 55 8.37 -7.01 16.52
CA GLU A 55 8.30 -7.13 17.96
C GLU A 55 9.66 -7.45 18.60
N SER A 56 10.33 -8.45 18.08
CA SER A 56 11.64 -8.79 18.62
C SER A 56 12.62 -7.61 18.51
N LEU A 57 12.42 -6.67 17.57
CA LEU A 57 13.37 -5.59 17.38
C LEU A 57 13.21 -4.54 18.45
N LYS A 58 12.02 -4.45 19.05
CA LYS A 58 11.78 -3.49 20.15
C LYS A 58 12.71 -3.76 21.32
N LEU A 59 13.27 -4.95 21.38
CA LEU A 59 14.08 -5.34 22.50
C LEU A 59 15.53 -5.57 22.10
N LYS A 60 15.98 -4.95 21.02
CA LYS A 60 17.42 -4.91 20.81
C LYS A 60 17.82 -3.61 20.14
N ASN A 61 19.12 -3.33 20.11
CA ASN A 61 19.61 -2.19 19.38
C ASN A 61 19.85 -2.63 17.96
N TRP A 62 19.26 -1.91 17.03
CA TRP A 62 19.55 -2.20 15.64
C TRP A 62 19.95 -0.96 14.80
N SER A 63 20.77 -0.08 15.40
CA SER A 63 21.28 1.07 14.64
C SER A 63 22.12 0.55 13.53
N CYS A 64 22.05 1.24 12.43
CA CYS A 64 22.80 0.98 11.20
C CYS A 64 23.80 2.14 11.00
N SER A 65 25.04 1.85 10.63
CA SER A 65 25.98 2.96 10.36
C SER A 65 25.74 3.60 8.96
N SER A 66 25.34 2.77 7.99
CA SER A 66 24.82 3.26 6.69
C SER A 66 23.48 2.53 6.40
N PRO A 67 22.60 3.15 5.57
CA PRO A 67 21.35 2.46 5.23
C PRO A 67 21.69 1.16 4.50
N VAL A 68 21.10 0.05 4.92
CA VAL A 68 21.39 -1.25 4.29
C VAL A 68 20.84 -1.21 2.85
N PHE A 69 19.58 -0.76 2.71
CA PHE A 69 19.01 -0.43 1.37
C PHE A 69 19.11 1.08 1.18
N PRO A 70 19.83 1.53 0.15
CA PRO A 70 19.97 2.99 -0.12
C PRO A 70 18.58 3.63 -0.09
N GLY A 71 18.50 4.83 0.44
CA GLY A 71 17.28 5.55 0.63
C GLY A 71 16.45 5.74 -0.61
N ASN A 72 17.05 5.75 -1.80
CA ASN A 72 16.32 5.99 -3.07
C ASN A 72 16.16 4.69 -3.80
N TRP A 73 16.39 3.56 -3.14
CA TRP A 73 16.37 2.27 -3.85
C TRP A 73 15.02 2.13 -4.59
N ASP A 74 15.02 1.85 -5.90
CA ASP A 74 13.75 1.72 -6.63
C ASP A 74 14.07 1.22 -8.04
N LEU A 75 13.60 0.05 -8.36
CA LEU A 75 13.97 -0.61 -9.57
C LEU A 75 13.57 0.23 -10.78
N ARG A 76 12.55 1.08 -10.62
CA ARG A 76 12.12 1.92 -11.74
C ARG A 76 13.18 2.93 -12.12
N LEU A 77 14.23 3.07 -11.29
CA LEU A 77 15.34 3.94 -11.62
C LEU A 77 16.37 3.18 -12.47
N LEU A 78 16.22 1.87 -12.61
CA LEU A 78 17.19 1.07 -13.36
C LEU A 78 16.66 0.71 -14.76
N GLN A 79 17.56 0.32 -15.64
CA GLN A 79 17.17 -0.20 -16.97
C GLN A 79 16.51 -1.52 -16.77
N VAL A 80 15.61 -1.86 -17.66
CA VAL A 80 14.82 -3.10 -17.53
C VAL A 80 15.69 -4.34 -17.31
N ARG A 81 16.80 -4.40 -18.04
CA ARG A 81 17.76 -5.51 -17.93
C ARG A 81 18.38 -5.56 -16.53
N GLU A 82 18.58 -4.40 -15.91
CA GLU A 82 19.18 -4.37 -14.57
C GLU A 82 18.22 -4.78 -13.44
N ARG A 83 16.90 -4.74 -13.68
CA ARG A 83 15.99 -4.87 -12.55
C ARG A 83 16.03 -6.25 -11.88
N PRO A 84 16.16 -7.33 -12.69
CA PRO A 84 16.16 -8.64 -12.07
C PRO A 84 17.38 -8.81 -11.20
N VAL A 85 18.50 -8.26 -11.62
CA VAL A 85 19.73 -8.33 -10.86
C VAL A 85 19.60 -7.65 -9.49
N ALA A 86 19.04 -6.45 -9.46
CA ALA A 86 18.80 -5.76 -8.19
C ALA A 86 17.85 -6.61 -7.34
N LEU A 87 16.82 -7.17 -7.97
CA LEU A 87 15.78 -7.81 -7.19
C LEU A 87 16.42 -9.05 -6.55
N GLU A 88 17.25 -9.72 -7.33
CA GLU A 88 17.89 -10.96 -6.85
C GLU A 88 18.75 -10.63 -5.63
N ALA A 89 19.41 -9.46 -5.66
CA ALA A 89 20.42 -9.20 -4.61
C ALA A 89 19.67 -8.91 -3.34
N GLU A 90 18.58 -8.11 -3.40
CA GLU A 90 17.79 -7.89 -2.15
C GLU A 90 17.09 -9.15 -1.65
N LEU A 91 16.75 -10.01 -2.58
CA LEU A 91 16.09 -11.26 -2.19
C LEU A 91 17.11 -12.17 -1.54
N ALA A 92 18.31 -12.24 -2.09
CA ALA A 92 19.25 -13.19 -1.48
C ALA A 92 19.62 -12.66 -0.11
N LEU A 93 19.69 -11.33 0.05
CA LEU A 93 20.14 -10.81 1.35
C LEU A 93 19.02 -11.04 2.35
N THR A 94 17.77 -10.79 1.89
CA THR A 94 16.62 -10.96 2.75
C THR A 94 16.59 -12.43 3.29
N LEU A 95 16.82 -13.39 2.39
CA LEU A 95 16.76 -14.82 2.77
C LEU A 95 17.85 -15.13 3.77
N LYS A 96 19.04 -14.62 3.49
CA LYS A 96 20.15 -14.96 4.36
C LYS A 96 19.86 -14.38 5.77
N VAL A 97 19.33 -13.17 5.83
CA VAL A 97 19.14 -12.56 7.17
C VAL A 97 17.99 -13.25 7.91
N LEU A 98 16.89 -13.51 7.22
CA LEU A 98 15.78 -14.11 7.91
C LEU A 98 16.14 -15.56 8.25
N GLU A 99 16.92 -16.23 7.42
CA GLU A 99 17.31 -17.61 7.89
C GLU A 99 18.12 -17.49 9.17
N ALA A 100 18.94 -16.45 9.33
CA ALA A 100 19.83 -16.45 10.51
C ALA A 100 18.94 -16.00 11.65
N ALA A 101 17.83 -15.34 11.36
CA ALA A 101 16.96 -14.90 12.45
C ALA A 101 16.05 -16.04 12.89
N ALA A 102 16.01 -17.13 12.12
CA ALA A 102 15.02 -18.16 12.31
C ALA A 102 15.46 -19.15 13.40
N GLY A 103 15.73 -18.66 14.62
CA GLY A 103 15.96 -19.52 15.80
C GLY A 103 14.69 -20.25 16.30
N PRO A 104 14.87 -21.12 17.29
CA PRO A 104 13.75 -21.93 17.80
C PRO A 104 12.53 -21.07 18.06
N ALA A 105 12.72 -19.81 18.48
CA ALA A 105 11.58 -18.96 18.83
C ALA A 105 10.77 -18.53 17.59
N LEU A 106 11.42 -18.33 16.45
CA LEU A 106 10.77 -17.80 15.26
C LEU A 106 10.72 -18.78 14.09
N GLU A 107 11.29 -19.97 14.25
CA GLU A 107 11.40 -20.86 13.06
C GLU A 107 10.00 -21.23 12.60
N ASP A 108 9.02 -21.37 13.51
CA ASP A 108 7.67 -21.80 13.07
C ASP A 108 7.01 -20.70 12.23
N VAL A 109 7.11 -19.47 12.67
CA VAL A 109 6.38 -18.40 11.99
C VAL A 109 7.20 -18.02 10.73
N LEU A 110 8.50 -18.31 10.70
CA LEU A 110 9.26 -17.92 9.49
C LEU A 110 9.23 -19.05 8.41
N ASP A 111 8.73 -20.25 8.74
CA ASP A 111 8.89 -21.37 7.81
C ASP A 111 8.18 -21.07 6.40
N GLN A 112 6.89 -20.69 6.36
CA GLN A 112 6.20 -20.41 5.08
C GLN A 112 6.85 -19.25 4.30
N PRO A 113 7.19 -18.18 5.01
CA PRO A 113 7.83 -17.03 4.39
C PRO A 113 9.18 -17.41 3.77
N LEU A 114 9.97 -18.25 4.44
CA LEU A 114 11.25 -18.63 3.84
C LEU A 114 10.99 -19.54 2.61
N HIS A 115 10.03 -20.41 2.73
CA HIS A 115 9.74 -21.34 1.65
C HIS A 115 9.32 -20.47 0.42
N THR A 116 8.42 -19.52 0.66
CA THR A 116 7.98 -18.63 -0.45
C THR A 116 9.11 -17.83 -1.06
N LEU A 117 9.97 -17.27 -0.21
CA LEU A 117 11.10 -16.50 -0.67
C LEU A 117 12.03 -17.37 -1.49
N HIS A 118 12.26 -18.62 -1.06
CA HIS A 118 13.16 -19.48 -1.85
C HIS A 118 12.60 -19.70 -3.24
N HIS A 119 11.30 -19.92 -3.29
CA HIS A 119 10.66 -20.27 -4.56
C HIS A 119 10.73 -19.01 -5.49
N ILE A 120 10.42 -17.85 -4.96
CA ILE A 120 10.58 -16.60 -5.79
C ILE A 120 12.02 -16.47 -6.27
N LEU A 121 12.97 -16.74 -5.39
CA LEU A 121 14.35 -16.60 -5.80
C LEU A 121 14.70 -17.56 -6.92
N SER A 122 14.19 -18.80 -6.87
CA SER A 122 14.53 -19.78 -7.89
C SER A 122 13.86 -19.41 -9.20
N GLN A 123 12.59 -19.03 -9.17
CA GLN A 123 11.89 -18.59 -10.37
C GLN A 123 12.69 -17.43 -10.98
N LEU A 124 13.18 -16.52 -10.14
CA LEU A 124 13.87 -15.36 -10.68
C LEU A 124 15.19 -15.77 -11.25
N GLN A 125 15.90 -16.67 -10.59
CA GLN A 125 17.25 -16.98 -11.08
C GLN A 125 17.14 -17.69 -12.43
N ALA A 126 16.06 -18.43 -12.60
CA ALA A 126 15.86 -19.14 -13.85
C ALA A 126 15.72 -18.20 -15.07
N CYS A 127 15.48 -16.92 -14.81
CA CYS A 127 15.14 -15.97 -15.87
C CYS A 127 16.19 -14.90 -15.99
N ILE A 128 17.30 -15.06 -15.29
CA ILE A 128 18.36 -14.06 -15.31
C ILE A 128 19.44 -14.51 -16.27
N GLN A 129 19.45 -13.92 -17.46
CA GLN A 129 20.53 -14.13 -18.43
C GLN A 129 21.69 -13.22 -18.05
N PRO A 130 22.91 -13.76 -18.00
CA PRO A 130 24.09 -13.00 -17.55
C PRO A 130 24.55 -11.94 -18.56
N ARG A 137 35.18 3.29 -17.96
CA ARG A 137 33.88 2.66 -17.77
C ARG A 137 33.21 3.08 -16.45
N PRO A 138 32.50 4.21 -16.49
CA PRO A 138 31.77 4.76 -15.33
C PRO A 138 30.58 3.89 -14.92
N ARG A 139 30.19 3.96 -13.66
CA ARG A 139 29.20 3.05 -13.13
C ARG A 139 28.03 3.87 -12.65
N GLY A 140 26.88 3.23 -12.52
CA GLY A 140 25.67 3.90 -12.12
C GLY A 140 24.99 3.33 -10.87
N ARG A 141 23.69 3.60 -10.76
CA ARG A 141 23.05 3.35 -9.48
C ARG A 141 23.07 1.85 -9.19
N LEU A 142 23.04 1.00 -10.21
CA LEU A 142 22.92 -0.44 -9.95
C LEU A 142 24.17 -0.87 -9.25
N HIS A 143 25.33 -0.46 -9.76
CA HIS A 143 26.60 -0.90 -9.15
C HIS A 143 26.73 -0.35 -7.72
N HIS A 144 26.33 0.92 -7.52
CA HIS A 144 26.42 1.54 -6.20
C HIS A 144 25.49 0.76 -5.23
N TRP A 145 24.25 0.45 -5.63
CA TRP A 145 23.33 -0.20 -4.72
C TRP A 145 23.81 -1.60 -4.38
N LEU A 146 24.27 -2.37 -5.39
CA LEU A 146 24.74 -3.72 -5.07
C LEU A 146 25.90 -3.64 -4.12
N HIS A 147 26.70 -2.59 -4.27
CA HIS A 147 27.83 -2.50 -3.38
C HIS A 147 27.35 -2.27 -1.94
N ARG A 148 26.39 -1.41 -1.76
CA ARG A 148 25.88 -1.17 -0.44
C ARG A 148 25.31 -2.46 0.12
N LEU A 149 24.63 -3.23 -0.70
CA LEU A 149 24.01 -4.49 -0.17
C LEU A 149 25.07 -5.47 0.19
N GLN A 150 26.11 -5.49 -0.62
CA GLN A 150 27.14 -6.51 -0.41
C GLN A 150 27.92 -6.16 0.86
N GLU A 151 27.99 -4.89 1.20
CA GLU A 151 28.85 -4.50 2.33
C GLU A 151 28.08 -4.63 3.61
N ALA A 152 26.76 -4.53 3.53
CA ALA A 152 25.99 -4.44 4.75
C ALA A 152 26.31 -5.60 5.74
N PRO A 153 26.25 -6.86 5.30
CA PRO A 153 26.50 -8.00 6.22
C PRO A 153 27.89 -7.97 6.84
N LYS A 154 28.83 -7.25 6.24
CA LYS A 154 30.20 -7.19 6.77
C LYS A 154 30.34 -6.10 7.78
N LYS A 155 29.62 -5.00 7.63
CA LYS A 155 29.80 -3.87 8.54
C LYS A 155 28.74 -3.73 9.62
N GLU A 156 27.57 -4.34 9.47
CA GLU A 156 26.43 -3.96 10.33
C GLU A 156 26.08 -5.07 11.31
N SER A 157 25.42 -4.70 12.40
CA SER A 157 25.04 -5.71 13.40
C SER A 157 23.88 -6.57 12.85
N ALA A 158 23.60 -7.67 13.54
CA ALA A 158 22.55 -8.55 13.12
C ALA A 158 21.25 -7.81 13.30
N GLY A 159 21.14 -7.02 14.36
CA GLY A 159 19.92 -6.29 14.62
C GLY A 159 19.62 -5.33 13.49
N CYS A 160 20.67 -4.70 12.99
CA CYS A 160 20.58 -3.72 11.89
C CYS A 160 20.11 -4.46 10.62
N LEU A 161 20.72 -5.59 10.30
CA LEU A 161 20.31 -6.33 9.08
C LEU A 161 18.88 -6.84 9.19
N GLU A 162 18.49 -7.31 10.37
CA GLU A 162 17.12 -7.79 10.51
C GLU A 162 16.07 -6.69 10.39
N ALA A 163 16.31 -5.56 11.04
CA ALA A 163 15.38 -4.46 10.98
C ALA A 163 15.30 -4.01 9.53
N SER A 164 16.44 -3.99 8.84
CA SER A 164 16.42 -3.42 7.47
C SER A 164 15.69 -4.42 6.53
N VAL A 165 15.90 -5.75 6.60
CA VAL A 165 15.18 -6.57 5.59
C VAL A 165 13.70 -6.68 6.01
N THR A 166 13.42 -6.59 7.32
CA THR A 166 12.07 -6.67 7.79
C THR A 166 11.26 -5.48 7.28
N PHE A 167 11.82 -4.26 7.33
CA PHE A 167 11.00 -3.11 6.97
C PHE A 167 10.98 -2.93 5.45
N ASN A 168 11.94 -3.56 4.77
CA ASN A 168 11.96 -3.54 3.29
C ASN A 168 11.03 -4.65 2.69
N LEU A 169 10.60 -5.58 3.50
CA LEU A 169 9.94 -6.82 2.98
C LEU A 169 8.69 -6.59 2.12
N PHE A 170 7.71 -5.80 2.59
CA PHE A 170 6.47 -5.68 1.77
C PHE A 170 6.67 -4.81 0.54
N ARG A 171 7.62 -3.90 0.59
CA ARG A 171 7.90 -3.12 -0.62
C ARG A 171 8.58 -4.02 -1.61
N LEU A 172 9.46 -4.89 -1.13
CA LEU A 172 10.10 -5.90 -2.00
C LEU A 172 9.02 -6.76 -2.70
N LEU A 173 8.11 -7.28 -1.88
CA LEU A 173 7.09 -8.23 -2.37
C LEU A 173 6.07 -7.56 -3.27
N THR A 174 5.76 -6.27 -3.07
CA THR A 174 4.55 -5.73 -3.74
C THR A 174 4.99 -4.75 -4.83
N ARG A 175 6.02 -3.97 -4.57
CA ARG A 175 6.48 -3.02 -5.55
C ARG A 175 7.59 -3.53 -6.41
N ASP A 176 8.65 -4.06 -5.84
CA ASP A 176 9.83 -4.39 -6.66
C ASP A 176 9.44 -5.65 -7.48
N LEU A 177 8.76 -6.56 -6.87
CA LEU A 177 8.50 -7.83 -7.55
C LEU A 177 7.58 -7.55 -8.75
N LYS A 178 6.71 -6.59 -8.56
CA LYS A 178 5.78 -6.20 -9.64
C LYS A 178 6.54 -5.53 -10.80
N TYR A 179 7.48 -4.63 -10.54
CA TYR A 179 8.12 -3.98 -11.68
C TYR A 179 8.87 -4.97 -12.47
N VAL A 180 9.62 -5.82 -11.80
CA VAL A 180 10.31 -6.81 -12.56
C VAL A 180 9.35 -7.69 -13.44
N ALA A 181 8.23 -8.15 -12.87
CA ALA A 181 7.32 -9.06 -13.60
C ALA A 181 6.69 -8.46 -14.86
N ASP A 182 6.82 -7.13 -15.03
CA ASP A 182 6.41 -6.45 -16.26
C ASP A 182 7.37 -6.79 -17.41
N GLY A 183 8.66 -6.48 -17.20
CA GLY A 183 9.70 -6.97 -18.11
C GLY A 183 10.30 -8.27 -17.58
N ASN A 184 9.69 -9.40 -17.96
CA ASN A 184 10.01 -10.70 -17.36
C ASN A 184 11.24 -11.42 -17.96
N LEU A 185 11.30 -11.46 -19.29
CA LEU A 185 12.37 -12.16 -19.99
C LEU A 185 12.44 -13.62 -19.56
N LEU B 6 -4.03 23.91 28.06
CA LEU B 6 -4.93 23.48 26.98
C LEU B 6 -5.22 21.97 27.00
N ALA B 7 -6.47 21.60 26.74
CA ALA B 7 -6.87 20.20 26.75
C ALA B 7 -6.55 19.58 25.39
N PRO B 8 -5.80 18.48 25.38
CA PRO B 8 -5.40 17.81 24.14
C PRO B 8 -6.59 17.34 23.36
N PRO B 9 -6.41 17.17 22.05
CA PRO B 9 -7.48 16.63 21.19
C PRO B 9 -7.87 15.24 21.66
N GLN B 10 -9.09 14.83 21.33
CA GLN B 10 -9.66 13.60 21.83
C GLN B 10 -9.96 12.64 20.68
N ASN B 11 -10.00 11.35 20.99
CA ASN B 11 -10.43 10.38 19.99
C ASN B 11 -9.66 10.62 18.67
N VAL B 12 -8.33 10.63 18.78
CA VAL B 12 -7.47 10.86 17.64
C VAL B 12 -7.29 9.59 16.77
N THR B 13 -7.72 9.65 15.53
CA THR B 13 -7.91 8.45 14.75
C THR B 13 -7.33 8.57 13.33
N LEU B 14 -6.53 7.60 12.96
CA LEU B 14 -6.00 7.50 11.61
C LEU B 14 -6.85 6.47 10.86
N LEU B 15 -7.51 6.88 9.78
CA LEU B 15 -8.36 5.97 9.02
C LEU B 15 -8.22 6.18 7.51
N SER B 16 -8.76 5.23 6.74
CA SER B 16 -8.63 5.23 5.28
C SER B 16 -9.99 5.31 4.63
N GLN B 17 -10.06 6.05 3.52
CA GLN B 17 -11.29 6.21 2.73
C GLN B 17 -10.87 6.50 1.26
N ASN B 18 -11.48 5.86 0.26
CA ASN B 18 -11.16 6.19 -1.16
C ASN B 18 -9.65 6.06 -1.41
N PHE B 19 -9.00 5.05 -0.82
CA PHE B 19 -7.59 4.79 -1.17
C PHE B 19 -6.64 5.74 -0.50
N SER B 20 -7.19 6.64 0.29
CA SER B 20 -6.37 7.65 0.89
C SER B 20 -6.36 7.49 2.44
N VAL B 21 -5.57 8.30 3.13
CA VAL B 21 -5.51 8.23 4.57
C VAL B 21 -5.75 9.60 5.18
N TYR B 22 -6.44 9.66 6.34
CA TYR B 22 -6.81 10.93 7.02
C TYR B 22 -6.63 10.74 8.50
N LEU B 23 -6.34 11.84 9.18
CA LEU B 23 -6.36 11.86 10.64
C LEU B 23 -7.55 12.72 11.02
N THR B 24 -8.33 12.27 12.00
CA THR B 24 -9.46 13.06 12.53
C THR B 24 -9.32 13.14 14.04
N TRP B 25 -10.07 14.05 14.66
CA TRP B 25 -10.02 14.18 16.11
C TRP B 25 -11.22 14.98 16.60
N LEU B 26 -11.29 15.14 17.92
CA LEU B 26 -12.31 15.99 18.56
C LEU B 26 -11.63 16.98 19.50
N PRO B 27 -12.29 18.12 19.73
CA PRO B 27 -11.75 19.17 20.59
C PRO B 27 -11.45 18.69 22.00
N GLY B 28 -10.55 19.38 22.68
CA GLY B 28 -10.11 18.97 24.01
C GLY B 28 -11.25 19.14 25.00
N LEU B 29 -11.08 18.51 26.17
CA LEU B 29 -12.07 18.60 27.23
C LEU B 29 -12.36 20.07 27.55
N GLY B 30 -11.32 20.84 27.86
CA GLY B 30 -11.44 22.29 27.95
C GLY B 30 -11.75 22.85 26.58
N ASN B 31 -12.77 23.71 26.48
CA ASN B 31 -13.33 24.06 25.19
C ASN B 31 -13.17 25.52 24.71
N PRO B 32 -11.99 26.12 24.93
CA PRO B 32 -11.77 27.44 24.33
C PRO B 32 -12.05 27.44 22.83
N GLN B 33 -11.98 28.63 22.22
CA GLN B 33 -12.43 28.78 20.85
C GLN B 33 -11.36 29.40 19.96
N ASP B 34 -11.63 29.39 18.66
CA ASP B 34 -10.67 29.83 17.68
C ASP B 34 -9.30 29.33 18.06
N VAL B 35 -9.28 28.13 18.61
CA VAL B 35 -8.05 27.42 18.85
C VAL B 35 -7.70 26.71 17.54
N THR B 36 -6.40 26.49 17.32
CA THR B 36 -5.94 25.82 16.12
C THR B 36 -5.25 24.49 16.46
N TYR B 37 -4.91 23.73 15.42
CA TYR B 37 -4.31 22.41 15.62
C TYR B 37 -3.08 22.22 14.80
N PHE B 38 -2.11 21.51 15.33
CA PHE B 38 -0.94 21.14 14.55
C PHE B 38 -0.80 19.62 14.38
N VAL B 39 -0.38 19.17 13.20
CA VAL B 39 -0.38 17.73 12.88
C VAL B 39 1.02 17.28 12.44
N ALA B 40 1.40 16.05 12.77
CA ALA B 40 2.66 15.50 12.30
C ALA B 40 2.49 13.98 12.01
N TYR B 41 3.44 13.39 11.30
CA TYR B 41 3.38 11.96 10.96
C TYR B 41 4.78 11.39 11.09
N GLN B 42 4.85 10.09 11.29
CA GLN B 42 6.11 9.41 11.33
C GLN B 42 6.61 9.11 9.92
N SER B 43 7.90 9.21 9.71
CA SER B 43 8.40 8.83 8.41
C SER B 43 8.72 7.36 8.48
N SER B 44 9.48 6.89 7.51
CA SER B 44 9.81 5.50 7.41
C SER B 44 10.56 4.97 8.68
N PRO B 45 10.31 3.69 9.07
CA PRO B 45 10.80 3.09 10.34
C PRO B 45 12.32 3.03 10.33
N THR B 46 12.92 2.95 9.15
CA THR B 46 14.39 2.94 9.14
C THR B 46 15.04 4.35 9.11
N ARG B 47 14.22 5.41 9.08
CA ARG B 47 14.75 6.83 9.14
C ARG B 47 13.65 7.66 9.74
N ARG B 48 13.35 7.38 11.01
CA ARG B 48 12.11 7.88 11.59
C ARG B 48 12.39 9.24 12.21
N ARG B 49 11.34 10.05 12.20
CA ARG B 49 11.39 11.46 12.59
CA ARG B 49 11.31 11.36 12.78
C ARG B 49 9.93 11.88 12.45
N TRP B 50 9.39 12.62 13.41
CA TRP B 50 8.05 13.16 13.27
C TRP B 50 8.22 14.37 12.35
N ARG B 51 7.33 14.50 11.38
CA ARG B 51 7.39 15.64 10.48
C ARG B 51 6.06 16.31 10.50
N GLU B 52 6.05 17.62 10.33
CA GLU B 52 4.77 18.31 10.38
C GLU B 52 4.06 18.31 9.00
N VAL B 53 2.75 18.35 9.01
CA VAL B 53 2.04 18.42 7.74
C VAL B 53 1.81 19.90 7.52
N GLU B 54 2.52 20.46 6.56
CA GLU B 54 2.46 21.88 6.27
C GLU B 54 1.02 22.40 6.24
N GLU B 55 0.18 21.77 5.44
CA GLU B 55 -1.15 22.27 5.16
C GLU B 55 -2.06 22.18 6.35
N CYS B 56 -1.69 21.44 7.37
CA CYS B 56 -2.62 21.33 8.49
C CYS B 56 -2.16 22.22 9.61
N ALA B 57 -0.99 22.84 9.45
CA ALA B 57 -0.39 23.63 10.51
C ALA B 57 -1.34 24.74 10.93
N GLY B 58 -1.63 24.84 12.22
CA GLY B 58 -2.62 25.79 12.72
C GLY B 58 -4.03 25.69 12.11
N THR B 59 -4.39 24.54 11.60
CA THR B 59 -5.74 24.39 11.03
C THR B 59 -6.76 24.53 12.14
N LYS B 60 -7.97 24.91 11.75
CA LYS B 60 -9.07 24.99 12.70
C LYS B 60 -10.03 23.86 12.41
N GLU B 61 -9.76 23.10 11.35
CA GLU B 61 -10.52 21.89 11.01
C GLU B 61 -10.30 20.75 12.03
N LEU B 62 -11.12 19.70 11.94
CA LEU B 62 -10.92 18.53 12.79
C LEU B 62 -10.45 17.30 12.00
N LEU B 63 -9.97 17.50 10.77
CA LEU B 63 -9.26 16.46 10.06
C LEU B 63 -8.13 17.02 9.21
N CYS B 64 -7.39 16.08 8.63
CA CYS B 64 -6.13 16.35 7.95
C CYS B 64 -5.85 15.21 6.98
N SER B 65 -5.60 15.54 5.72
CA SER B 65 -5.22 14.52 4.77
C SER B 65 -3.77 14.08 5.09
N MET B 66 -3.55 12.77 5.07
CA MET B 66 -2.25 12.20 5.39
C MET B 66 -1.79 11.27 4.30
N MET B 67 -1.96 11.67 3.06
CA MET B 67 -1.62 10.80 1.92
C MET B 67 -0.55 11.47 1.05
N CYS B 68 0.41 10.69 0.53
CA CYS B 68 1.43 11.27 -0.35
C CYS B 68 2.22 12.38 0.35
N LEU B 69 2.58 12.15 1.62
CA LEU B 69 3.33 13.11 2.39
C LEU B 69 4.79 12.88 2.08
N LYS B 70 5.63 13.90 2.24
CA LYS B 70 7.03 13.70 1.96
C LYS B 70 7.60 12.68 2.90
N LYS B 71 8.44 11.82 2.36
CA LYS B 71 9.16 10.86 3.22
C LYS B 71 8.23 9.82 3.91
N GLN B 72 6.96 9.78 3.48
CA GLN B 72 6.01 8.81 3.99
C GLN B 72 6.38 7.46 3.43
N ASP B 73 6.21 6.40 4.22
CA ASP B 73 6.49 5.06 3.66
C ASP B 73 5.21 4.24 3.80
N LEU B 74 4.41 4.13 2.74
CA LEU B 74 3.12 3.43 2.89
C LEU B 74 3.29 1.90 2.97
N TYR B 75 4.51 1.40 2.79
CA TYR B 75 4.73 -0.06 2.89
C TYR B 75 4.99 -0.55 4.35
N ASN B 76 4.90 0.35 5.34
CA ASN B 76 5.11 0.01 6.78
C ASN B 76 4.09 0.81 7.55
N LYS B 77 3.83 0.40 8.78
CA LYS B 77 2.97 1.09 9.74
C LYS B 77 3.42 2.52 9.91
N PHE B 78 2.52 3.45 10.19
CA PHE B 78 3.01 4.75 10.69
C PHE B 78 1.87 5.39 11.45
N LYS B 79 2.18 6.36 12.32
CA LYS B 79 1.17 7.02 13.12
C LYS B 79 1.10 8.49 12.73
N GLY B 80 -0.02 9.14 13.01
CA GLY B 80 -0.07 10.62 12.99
C GLY B 80 -0.15 11.11 14.44
N ARG B 81 -0.02 12.42 14.68
CA ARG B 81 -0.17 13.07 16.03
C ARG B 81 -0.76 14.46 15.83
N VAL B 82 -1.61 14.90 16.77
CA VAL B 82 -2.22 16.25 16.76
C VAL B 82 -2.08 16.87 18.14
N ARG B 83 -1.88 18.18 18.21
CA ARG B 83 -1.94 18.91 19.47
C ARG B 83 -2.85 20.14 19.31
N THR B 84 -3.50 20.57 20.40
CA THR B 84 -4.33 21.78 20.36
C THR B 84 -3.44 22.98 20.68
N VAL B 85 -3.65 24.10 19.99
CA VAL B 85 -2.83 25.28 20.29
C VAL B 85 -3.58 26.59 20.16
N SER B 86 -3.30 27.46 21.11
CA SER B 86 -3.73 28.84 21.07
C SER B 86 -2.50 29.69 21.36
N PRO B 87 -2.68 31.02 21.39
CA PRO B 87 -1.55 31.87 21.84
C PRO B 87 -1.22 31.57 23.29
N SER B 88 -2.28 31.30 24.04
CA SER B 88 -2.22 31.15 25.48
C SER B 88 -1.80 29.76 25.96
N SER B 89 -1.48 28.85 25.03
CA SER B 89 -1.04 27.51 25.40
C SER B 89 -0.79 26.56 24.22
N LYS B 90 -0.05 25.49 24.47
CA LYS B 90 0.05 24.37 23.54
C LYS B 90 -0.32 23.12 24.31
N SER B 91 -1.16 22.29 23.74
CA SER B 91 -1.52 21.06 24.43
C SER B 91 -0.41 20.03 24.23
N PRO B 92 -0.54 18.92 24.95
CA PRO B 92 0.43 17.85 24.73
C PRO B 92 0.09 17.17 23.39
N TRP B 93 0.98 16.34 22.85
CA TRP B 93 0.68 15.65 21.60
C TRP B 93 -0.25 14.48 21.89
N VAL B 94 -1.22 14.22 21.01
CA VAL B 94 -1.92 12.95 21.04
C VAL B 94 -1.68 12.13 19.75
N GLU B 95 -1.12 10.91 19.90
CA GLU B 95 -0.85 9.99 18.77
C GLU B 95 -2.05 9.15 18.37
N SER B 96 -2.10 8.71 17.11
CA SER B 96 -3.10 7.73 16.66
C SER B 96 -2.56 6.34 16.90
N GLU B 97 -3.40 5.33 16.70
CA GLU B 97 -2.87 4.00 16.43
C GLU B 97 -2.06 3.99 15.15
N TYR B 98 -1.20 2.99 15.00
CA TYR B 98 -0.54 2.73 13.76
C TYR B 98 -1.57 2.45 12.69
N LEU B 99 -1.30 2.91 11.46
CA LEU B 99 -2.10 2.42 10.34
C LEU B 99 -1.14 1.82 9.31
N ASP B 100 -1.49 0.63 8.85
CA ASP B 100 -0.64 -0.15 7.97
C ASP B 100 -1.32 -0.26 6.58
N TYR B 101 -0.97 0.68 5.70
CA TYR B 101 -1.75 0.96 4.49
C TYR B 101 -2.15 -0.29 3.71
N LEU B 102 -1.17 -1.17 3.40
CA LEU B 102 -1.49 -2.27 2.50
C LEU B 102 -2.61 -3.15 3.04
N PHE B 103 -2.74 -3.18 4.38
CA PHE B 103 -3.69 -4.13 4.99
C PHE B 103 -4.96 -3.43 5.44
N GLU B 104 -4.95 -2.09 5.49
CA GLU B 104 -6.10 -1.36 5.98
C GLU B 104 -6.71 -0.32 5.01
N VAL B 105 -6.11 -0.10 3.82
CA VAL B 105 -6.66 0.87 2.89
C VAL B 105 -8.12 0.46 2.50
N GLU B 106 -9.02 1.42 2.37
CA GLU B 106 -10.42 1.14 1.92
C GLU B 106 -10.56 1.65 0.49
N PRO B 107 -10.92 0.77 -0.43
CA PRO B 107 -11.00 1.15 -1.85
C PRO B 107 -12.28 1.93 -2.14
N ALA B 108 -12.23 2.80 -3.13
CA ALA B 108 -13.45 3.43 -3.63
C ALA B 108 -14.04 2.62 -4.80
N PRO B 109 -15.33 2.82 -5.13
CA PRO B 109 -15.86 2.16 -6.35
C PRO B 109 -15.15 2.80 -7.55
N PRO B 110 -15.07 2.12 -8.67
CA PRO B 110 -14.56 2.77 -9.89
C PRO B 110 -15.62 3.75 -10.47
N VAL B 111 -15.19 4.58 -11.41
CA VAL B 111 -16.12 5.33 -12.22
C VAL B 111 -16.16 4.56 -13.53
N LEU B 112 -17.33 4.09 -13.92
CA LEU B 112 -17.46 3.30 -15.16
C LEU B 112 -17.52 4.14 -16.42
N VAL B 113 -16.70 3.78 -17.39
CA VAL B 113 -16.82 4.39 -18.72
C VAL B 113 -17.57 3.45 -19.66
N LEU B 114 -18.64 3.97 -20.25
CA LEU B 114 -19.55 3.16 -21.06
C LEU B 114 -19.30 3.43 -22.52
N THR B 115 -19.05 2.39 -23.29
CA THR B 115 -19.12 2.52 -24.75
C THR B 115 -20.03 1.43 -25.38
N GLN B 116 -20.53 1.70 -26.56
CA GLN B 116 -21.37 0.74 -27.20
C GLN B 116 -21.00 0.62 -28.66
N THR B 117 -21.05 -0.61 -29.15
CA THR B 117 -20.79 -0.89 -30.54
C THR B 117 -21.70 -2.02 -30.91
N GLU B 118 -22.65 -1.74 -31.79
CA GLU B 118 -23.59 -2.76 -32.24
C GLU B 118 -24.33 -3.32 -31.02
N GLU B 119 -24.21 -4.62 -30.78
CA GLU B 119 -24.89 -5.25 -29.67
C GLU B 119 -23.95 -5.48 -28.46
N ILE B 120 -22.73 -4.97 -28.53
CA ILE B 120 -21.83 -5.10 -27.40
C ILE B 120 -21.71 -3.79 -26.66
N LEU B 121 -22.08 -3.83 -25.39
CA LEU B 121 -21.94 -2.70 -24.49
C LEU B 121 -20.79 -2.98 -23.58
N SER B 122 -19.80 -2.12 -23.58
CA SER B 122 -18.67 -2.37 -22.68
C SER B 122 -18.63 -1.32 -21.57
N ALA B 123 -18.37 -1.79 -20.36
CA ALA B 123 -18.39 -0.96 -19.18
C ALA B 123 -17.01 -1.12 -18.60
N ASN B 124 -16.25 -0.03 -18.57
CA ASN B 124 -14.83 -0.13 -18.28
C ASN B 124 -14.48 0.64 -16.99
N ALA B 125 -13.84 -0.02 -16.04
CA ALA B 125 -13.55 0.71 -14.78
C ALA B 125 -12.41 1.71 -14.94
N THR B 126 -12.58 2.90 -14.37
CA THR B 126 -11.43 3.80 -14.22
C THR B 126 -11.40 4.39 -12.82
N TYR B 127 -10.23 4.87 -12.40
CA TYR B 127 -10.05 5.33 -11.03
C TYR B 127 -9.19 6.61 -11.05
N GLN B 128 -9.45 7.54 -10.14
CA GLN B 128 -8.46 8.58 -9.84
C GLN B 128 -7.68 8.17 -8.58
N LEU B 129 -6.45 7.73 -8.74
CA LEU B 129 -5.70 7.16 -7.63
C LEU B 129 -4.66 8.17 -7.09
N PRO B 130 -4.47 8.24 -5.76
CA PRO B 130 -3.37 9.07 -5.27
C PRO B 130 -2.09 8.65 -5.98
N PRO B 131 -1.25 9.63 -6.33
CA PRO B 131 -0.07 9.41 -7.15
C PRO B 131 0.95 8.54 -6.48
N CYS B 132 1.06 8.62 -5.14
CA CYS B 132 2.02 7.76 -4.40
C CYS B 132 1.52 6.36 -4.10
N MET B 133 0.31 6.01 -4.52
CA MET B 133 -0.29 4.76 -4.05
C MET B 133 0.56 3.57 -4.41
N PRO B 134 0.71 2.57 -3.55
CA PRO B 134 1.43 1.34 -3.93
C PRO B 134 0.69 0.60 -5.06
N PRO B 135 1.30 -0.20 -5.91
CA PRO B 135 0.50 -0.69 -7.03
C PRO B 135 -0.42 -1.82 -6.59
N LEU B 136 -1.61 -1.47 -6.12
CA LEU B 136 -2.53 -2.49 -5.65
C LEU B 136 -3.16 -3.26 -6.83
N ASP B 137 -3.53 -4.51 -6.58
CA ASP B 137 -4.26 -5.31 -7.59
C ASP B 137 -5.76 -5.04 -7.47
N LEU B 138 -6.31 -4.13 -8.25
CA LEU B 138 -7.71 -3.78 -8.07
C LEU B 138 -8.49 -4.63 -9.03
N LYS B 139 -9.59 -5.18 -8.57
CA LYS B 139 -10.56 -5.78 -9.48
C LYS B 139 -11.91 -5.14 -9.26
N TYR B 140 -12.84 -5.36 -10.18
CA TYR B 140 -14.19 -4.83 -10.01
C TYR B 140 -15.30 -5.74 -10.54
N GLU B 141 -16.47 -5.57 -9.94
CA GLU B 141 -17.62 -6.46 -10.23
C GLU B 141 -18.79 -5.60 -10.71
N VAL B 142 -19.17 -5.76 -11.98
CA VAL B 142 -20.27 -4.98 -12.54
C VAL B 142 -21.64 -5.61 -12.32
N ALA B 143 -22.60 -4.79 -11.88
CA ALA B 143 -24.01 -5.18 -11.74
C ALA B 143 -24.81 -4.50 -12.81
N PHE B 144 -25.77 -5.20 -13.39
CA PHE B 144 -26.51 -4.66 -14.54
C PHE B 144 -27.99 -5.07 -14.44
N TRP B 145 -28.92 -4.18 -14.67
CA TRP B 145 -30.32 -4.54 -14.45
C TRP B 145 -31.25 -3.55 -15.13
N LYS B 146 -32.51 -3.98 -15.29
CA LYS B 146 -33.60 -3.11 -15.72
C LYS B 146 -34.08 -2.23 -14.57
N GLU B 147 -34.20 -0.91 -14.80
CA GLU B 147 -34.64 -0.05 -13.73
C GLU B 147 -35.91 -0.61 -13.07
N GLY B 148 -35.86 -0.79 -11.76
CA GLY B 148 -36.99 -1.27 -10.98
C GLY B 148 -37.15 -2.78 -10.93
N ALA B 149 -36.24 -3.54 -11.53
CA ALA B 149 -36.39 -4.99 -11.64
C ALA B 149 -36.00 -5.72 -10.34
N GLY B 150 -36.56 -6.91 -10.16
CA GLY B 150 -36.30 -7.70 -8.98
C GLY B 150 -34.86 -8.10 -8.91
N ASN B 151 -34.44 -8.98 -9.80
CA ASN B 151 -33.06 -9.43 -9.81
C ASN B 151 -32.14 -8.56 -10.71
N LYS B 152 -30.86 -8.60 -10.39
CA LYS B 152 -29.81 -7.93 -11.16
C LYS B 152 -28.90 -9.00 -11.72
N THR B 153 -28.18 -8.70 -12.78
CA THR B 153 -27.10 -9.58 -13.19
C THR B 153 -25.71 -9.09 -12.74
N LEU B 154 -24.86 -10.01 -12.28
CA LEU B 154 -23.51 -9.69 -11.81
C LEU B 154 -22.51 -10.30 -12.77
N PHE B 155 -21.63 -9.51 -13.35
CA PHE B 155 -20.66 -10.08 -14.28
C PHE B 155 -19.37 -10.53 -13.59
N PRO B 156 -18.59 -11.40 -14.26
CA PRO B 156 -17.44 -11.98 -13.54
C PRO B 156 -16.51 -10.88 -13.03
N VAL B 157 -15.90 -11.09 -11.88
CA VAL B 157 -14.98 -10.10 -11.31
C VAL B 157 -13.87 -9.89 -12.34
N THR B 158 -13.51 -8.64 -12.61
CA THR B 158 -12.62 -8.32 -13.73
C THR B 158 -11.49 -7.41 -13.24
N PRO B 159 -10.28 -7.53 -13.82
CA PRO B 159 -9.15 -6.73 -13.36
C PRO B 159 -9.30 -5.32 -13.85
N HIS B 160 -8.93 -4.34 -13.01
CA HIS B 160 -8.75 -2.96 -13.50
C HIS B 160 -7.87 -3.07 -14.72
N GLY B 161 -8.19 -2.35 -15.79
CA GLY B 161 -7.41 -2.50 -17.01
C GLY B 161 -8.23 -3.16 -18.08
N GLN B 162 -9.21 -3.98 -17.69
CA GLN B 162 -10.05 -4.67 -18.67
C GLN B 162 -11.49 -4.23 -18.52
N PRO B 163 -12.22 -4.06 -19.64
CA PRO B 163 -13.64 -3.73 -19.63
C PRO B 163 -14.48 -4.96 -19.42
N VAL B 164 -15.70 -4.77 -18.94
CA VAL B 164 -16.66 -5.86 -18.88
C VAL B 164 -17.54 -5.77 -20.13
N GLN B 165 -17.74 -6.89 -20.82
CA GLN B 165 -18.49 -6.88 -22.10
C GLN B 165 -19.88 -7.45 -21.93
N ILE B 166 -20.88 -6.71 -22.36
CA ILE B 166 -22.25 -7.13 -22.18
C ILE B 166 -22.95 -7.20 -23.54
N THR B 167 -23.66 -8.30 -23.82
CA THR B 167 -24.44 -8.40 -25.09
C THR B 167 -25.85 -7.82 -24.88
N LEU B 168 -26.24 -6.91 -25.76
CA LEU B 168 -27.53 -6.26 -25.67
C LEU B 168 -28.58 -7.02 -26.49
N GLN B 169 -29.83 -6.99 -26.03
CA GLN B 169 -30.97 -7.54 -26.78
C GLN B 169 -31.60 -6.43 -27.59
N PRO B 170 -31.44 -6.47 -28.92
CA PRO B 170 -31.95 -5.39 -29.78
C PRO B 170 -33.31 -4.82 -29.32
N ALA B 171 -34.28 -5.69 -29.00
CA ALA B 171 -35.67 -5.26 -28.78
C ALA B 171 -36.01 -4.82 -27.33
N ALA B 172 -35.00 -4.73 -26.47
CA ALA B 172 -35.28 -4.48 -25.06
C ALA B 172 -35.14 -3.00 -24.71
N SER B 173 -35.81 -2.11 -25.45
CA SER B 173 -35.51 -0.66 -25.31
C SER B 173 -35.97 -0.03 -23.97
N GLU B 174 -35.54 -0.61 -22.87
CA GLU B 174 -35.98 -0.28 -21.54
C GLU B 174 -34.89 0.56 -20.90
N HIS B 175 -35.21 1.27 -19.83
CA HIS B 175 -34.19 2.01 -19.13
C HIS B 175 -33.40 0.99 -18.31
N HIS B 176 -32.12 0.81 -18.63
CA HIS B 176 -31.22 -0.08 -17.82
C HIS B 176 -30.22 0.68 -16.97
N CYS B 177 -29.50 -0.05 -16.13
CA CYS B 177 -28.71 0.57 -15.08
C CYS B 177 -27.49 -0.25 -14.84
N LEU B 178 -26.34 0.41 -14.68
CA LEU B 178 -25.09 -0.27 -14.27
C LEU B 178 -24.50 0.39 -13.07
N SER B 179 -23.81 -0.42 -12.31
CA SER B 179 -23.12 0.00 -11.11
C SER B 179 -21.93 -0.99 -10.98
N ALA B 180 -20.89 -0.59 -10.24
CA ALA B 180 -19.76 -1.51 -9.94
C ALA B 180 -19.18 -1.25 -8.55
N ARG B 181 -18.63 -2.29 -7.94
CA ARG B 181 -17.75 -2.09 -6.79
C ARG B 181 -16.37 -2.65 -7.05
N THR B 182 -15.42 -2.14 -6.26
CA THR B 182 -14.03 -2.55 -6.30
C THR B 182 -13.81 -3.67 -5.29
N ILE B 183 -13.06 -4.68 -5.69
CA ILE B 183 -12.59 -5.69 -4.74
C ILE B 183 -11.07 -5.56 -4.67
N TYR B 184 -10.58 -5.31 -3.48
CA TYR B 184 -9.12 -5.22 -3.30
C TYR B 184 -8.71 -6.32 -2.36
N THR B 185 -7.87 -7.25 -2.82
CA THR B 185 -7.46 -8.38 -1.98
C THR B 185 -5.96 -8.40 -1.75
N PHE B 186 -5.56 -8.14 -0.50
CA PHE B 186 -4.15 -8.32 -0.16
C PHE B 186 -4.09 -9.63 0.58
N SER B 187 -4.29 -9.64 1.88
CA SER B 187 -4.43 -10.92 2.61
C SER B 187 -5.89 -11.20 2.88
N VAL B 188 -6.73 -10.16 2.86
CA VAL B 188 -8.17 -10.41 2.95
C VAL B 188 -8.97 -9.43 2.05
N PRO B 189 -9.95 -9.95 1.34
CA PRO B 189 -10.78 -9.16 0.41
C PRO B 189 -11.44 -8.01 1.13
N LYS B 190 -11.28 -6.83 0.53
CA LYS B 190 -11.97 -5.63 0.95
C LYS B 190 -12.90 -5.28 -0.20
N TYR B 191 -14.16 -4.99 0.08
CA TYR B 191 -15.13 -4.53 -0.96
C TYR B 191 -15.53 -3.10 -0.76
N SER B 192 -15.52 -2.31 -1.82
CA SER B 192 -16.07 -0.98 -1.73
C SER B 192 -17.57 -1.15 -1.91
N LYS B 193 -18.29 -0.08 -1.67
CA LYS B 193 -19.69 0.05 -2.04
C LYS B 193 -19.80 -0.01 -3.56
N PHE B 194 -21.00 -0.30 -4.05
CA PHE B 194 -21.30 -0.09 -5.45
C PHE B 194 -21.38 1.42 -5.82
N SER B 195 -20.84 1.76 -6.99
CA SER B 195 -20.89 3.16 -7.41
C SER B 195 -22.36 3.56 -7.61
N LYS B 196 -22.59 4.85 -7.73
CA LYS B 196 -23.94 5.37 -7.95
C LYS B 196 -24.38 4.88 -9.34
N PRO B 197 -25.59 4.30 -9.48
CA PRO B 197 -25.89 3.71 -10.79
C PRO B 197 -25.80 4.70 -11.95
N THR B 198 -25.22 4.31 -13.09
CA THR B 198 -25.34 5.13 -14.32
C THR B 198 -26.41 4.48 -15.23
N CYS B 199 -27.36 5.24 -15.72
CA CYS B 199 -28.52 4.61 -16.34
C CYS B 199 -28.66 5.12 -17.75
N PHE B 200 -29.36 4.37 -18.61
CA PHE B 200 -29.50 4.71 -20.02
C PHE B 200 -30.57 3.87 -20.71
N LEU B 201 -31.03 4.38 -21.83
CA LEU B 201 -32.00 3.69 -22.67
C LEU B 201 -31.24 2.86 -23.72
N LEU B 202 -31.42 1.55 -23.66
CA LEU B 202 -30.78 0.66 -24.62
C LEU B 202 -31.42 0.71 -26.00
N GLU B 203 -30.57 0.76 -27.01
CA GLU B 203 -31.02 0.90 -28.39
C GLU B 203 -29.90 0.38 -29.28
N VAL B 204 -30.18 -0.70 -30.01
CA VAL B 204 -29.14 -1.41 -30.76
C VAL B 204 -28.90 -0.84 -32.15
N PRO B 205 -29.93 -0.86 -33.00
CA PRO B 205 -29.70 -0.38 -34.37
C PRO B 205 -29.24 1.06 -34.38
C1 NAG C . -10.19 0.69 -19.75
C2 NAG C . -9.39 0.76 -21.03
C3 NAG C . -7.90 0.60 -20.77
C4 NAG C . -7.42 1.42 -19.57
C5 NAG C . -8.42 1.46 -18.43
C6 NAG C . -8.03 2.54 -17.43
C7 NAG C . -10.62 -0.03 -22.98
C8 NAG C . -11.01 1.40 -23.18
N2 NAG C . -9.83 -0.29 -21.93
O3 NAG C . -7.18 1.01 -21.91
O4 NAG C . -6.22 0.85 -19.09
O5 NAG C . -9.72 1.72 -18.90
O6 NAG C . -8.76 2.36 -16.24
O7 NAG C . -11.02 -0.90 -23.75
C1 NAG C . -5.19 1.87 -19.27
C2 NAG C . -3.89 1.39 -18.65
C3 NAG C . -2.76 2.39 -18.90
C4 NAG C . -2.71 2.81 -20.36
C5 NAG C . -4.10 3.19 -20.87
C6 NAG C . -4.06 3.53 -22.35
C7 NAG C . -4.20 -0.03 -16.71
C8 NAG C . -4.18 -1.17 -17.68
N2 NAG C . -4.06 1.18 -17.22
O3 NAG C . -1.52 1.81 -18.53
O4 NAG C . -1.84 3.90 -20.52
O5 NAG C . -4.99 2.12 -20.65
O6 NAG C . -3.22 2.62 -23.02
O7 NAG C . -4.35 -0.23 -15.51
C1 BMA C . -0.41 4.08 -20.71
C2 BMA C . 0.43 5.30 -21.07
C3 BMA C . 1.79 4.86 -21.62
C4 BMA C . 2.43 3.82 -20.70
C5 BMA C . 1.45 2.74 -20.28
C6 BMA C . 2.06 1.80 -19.25
O2 BMA C . 0.63 6.09 -19.93
O3 BMA C . 2.64 5.97 -21.74
O4 BMA C . 3.51 3.22 -21.37
O5 BMA C . 0.28 3.33 -19.74
O6 BMA C . 2.86 2.54 -18.37
C1 GOL D . 29.19 -7.41 12.33
O1 GOL D . 28.82 -7.95 11.08
C2 GOL D . 29.84 -6.04 12.12
O2 GOL D . 31.24 -6.19 12.11
C3 GOL D . 29.36 -4.99 13.14
O3 GOL D . 28.91 -5.54 14.35
C1 GOL E . 2.35 -19.83 14.17
O1 GOL E . 3.67 -19.46 14.49
C2 GOL E . 2.34 -20.47 12.79
O2 GOL E . 3.56 -20.21 12.15
C3 GOL E . 1.24 -19.89 11.92
O3 GOL E . 0.68 -20.91 11.12
C1 NAG F . -14.67 8.92 22.13
C2 NAG F . -15.52 7.70 21.79
C3 NAG F . -15.92 6.95 23.05
C4 NAG F . -14.72 6.73 23.95
C5 NAG F . -13.93 8.00 24.15
C6 NAG F . -12.68 7.76 24.99
C7 NAG F . -16.62 8.66 19.85
C8 NAG F . -17.91 9.04 19.19
N2 NAG F . -16.71 8.12 21.06
O3 NAG F . -16.49 5.70 22.70
O4 NAG F . -15.17 6.26 25.21
O5 NAG F . -13.55 8.51 22.88
O6 NAG F . -11.93 6.71 24.41
O7 NAG F . -15.55 8.85 19.27
C1 NAG G . -10.69 10.02 -4.49
C2 NAG G . -11.59 11.20 -4.97
C3 NAG G . -11.09 11.95 -6.23
C4 NAG G . -9.58 12.25 -6.20
C5 NAG G . -8.86 10.94 -5.89
C6 NAG G . -7.33 11.05 -5.97
C7 NAG G . -13.93 11.02 -4.17
C8 NAG G . -15.21 10.22 -4.20
N2 NAG G . -12.99 10.78 -5.11
O3 NAG G . -11.77 13.18 -6.39
O4 NAG G . -9.12 12.84 -7.41
O5 NAG G . -9.30 10.37 -4.66
O6 NAG G . -6.75 11.87 -4.98
O7 NAG G . -13.78 11.85 -3.29
C1 GOL H . 12.30 0.26 3.58
O1 GOL H . 13.39 -0.18 2.77
C2 GOL H . 11.73 1.51 2.94
O2 GOL H . 11.93 2.59 3.85
C3 GOL H . 10.25 1.45 2.47
O3 GOL H . 9.57 0.24 2.68
C1 GOL I . -25.93 -2.84 -7.24
O1 GOL I . -25.94 -4.17 -6.73
C2 GOL I . -26.57 -1.91 -6.23
O2 GOL I . -26.09 -0.59 -6.42
C3 GOL I . -26.25 -2.51 -4.86
O3 GOL I . -26.91 -3.77 -4.71
#